data_4D0P
#
_entry.id   4D0P
#
_cell.length_a   56.660
_cell.length_b   63.530
_cell.length_c   75.800
_cell.angle_alpha   90.00
_cell.angle_beta   101.69
_cell.angle_gamma   90.00
#
_symmetry.space_group_name_H-M   'P 1 21 1'
#
loop_
_entity.id
_entity.type
_entity.pdbx_description
1 polymer 'COP9 SIGNALOSOME COMPLEX SUBUNIT 4'
2 non-polymer 'SODIUM ION'
3 non-polymer 'CHLORIDE ION'
4 non-polymer 1,2-ETHANEDIOL
5 water water
#
_entity_poly.entity_id   1
_entity_poly.type   'polypeptide(L)'
_entity_poly.pdbx_seq_one_letter_code
;MASWSHPQFEKVDEENLYFQGGGRMAAAVRQDLAQLMNSSGSHKDLAGKYRQILEKAIQLSGAEQLEALKAFVEAMVNEN
VSLVISRQLLTDFCTHLPNLPDSTAKEIYHFTLEKIQPRVISFEEQVASIRQHLASIYEKEEDWRNAAQVLVGIPLETGQ
KQYNVDYKLETYLKIARLYLEDDDPVQAEAYINRASLLQNESTNEQLQIHYKVCYARVLDYRRKFIEAAQRYNELSYKTI
VHESERLEALKHALHCTILASAGQQRSRMLATLFKDERCQQLAAYGILEKMYLDRIIRGNQLQEFAAMLMPHQKATTADG
SSILDRAVIEHNLLSASKLYNNITFEELGALLEIPAAKAEKIASQMITEGRMNGFIDQIDGIVHFET
;
_entity_poly.pdbx_strand_id   A
#
# COMPACT_ATOMS: atom_id res chain seq x y z
N ASN A 16 42.70 16.53 -6.41
CA ASN A 16 42.00 15.36 -6.96
C ASN A 16 42.93 14.36 -7.69
N LEU A 17 43.70 14.82 -8.67
CA LEU A 17 44.49 13.97 -9.54
C LEU A 17 45.73 13.33 -8.88
N TYR A 18 46.64 14.16 -8.35
CA TYR A 18 47.90 13.69 -7.77
C TYR A 18 47.89 13.35 -6.27
N PHE A 19 47.09 14.03 -5.47
CA PHE A 19 47.00 13.70 -4.04
C PHE A 19 45.67 12.97 -3.91
N GLN A 20 45.73 11.63 -3.95
CA GLN A 20 44.52 10.78 -3.95
C GLN A 20 44.01 10.36 -2.57
N GLY A 21 44.74 10.72 -1.51
CA GLY A 21 44.36 10.37 -0.14
C GLY A 21 43.15 11.14 0.38
N GLY A 22 42.54 10.60 1.43
CA GLY A 22 41.38 11.22 2.07
C GLY A 22 41.73 12.33 3.05
N GLY A 23 40.75 12.72 3.85
CA GLY A 23 40.90 13.77 4.85
C GLY A 23 41.72 13.40 6.07
N ARG A 24 42.37 14.40 6.69
CA ARG A 24 43.27 14.22 7.82
C ARG A 24 42.53 13.73 9.06
N MET A 25 41.40 14.36 9.38
CA MET A 25 40.61 13.99 10.56
C MET A 25 39.98 12.61 10.39
N ALA A 26 39.60 12.21 9.16
CA ALA A 26 39.04 10.86 8.91
C ALA A 26 40.18 9.83 9.06
N ALA A 27 41.41 10.21 8.68
CA ALA A 27 42.58 9.36 8.86
C ALA A 27 42.89 9.10 10.34
N ALA A 28 42.70 10.11 11.20
CA ALA A 28 42.93 9.97 12.65
C ALA A 28 41.91 8.98 13.22
N VAL A 29 40.67 9.08 12.77
CA VAL A 29 39.62 8.16 13.22
C VAL A 29 39.99 6.72 12.80
N ARG A 30 40.32 6.51 11.52
CA ARG A 30 40.71 5.20 10.98
C ARG A 30 41.86 4.63 11.81
N GLN A 31 42.89 5.49 12.06
CA GLN A 31 44.06 5.19 12.88
C GLN A 31 43.64 4.81 14.30
N ASP A 32 42.85 5.67 14.97
CA ASP A 32 42.42 5.41 16.36
C ASP A 32 41.65 4.08 16.48
N LEU A 33 40.83 3.73 15.48
CA LEU A 33 40.09 2.46 15.48
C LEU A 33 41.00 1.26 15.26
N ALA A 34 41.99 1.39 14.36
CA ALA A 34 42.92 0.30 14.06
C ALA A 34 43.71 -0.10 15.30
N GLN A 35 44.11 0.91 16.09
CA GLN A 35 44.85 0.73 17.34
C GLN A 35 44.07 -0.06 18.40
N LEU A 36 42.73 0.10 18.48
CA LEU A 36 41.89 -0.59 19.46
C LEU A 36 41.54 -2.04 19.08
N MET A 37 41.64 -2.39 17.80
CA MET A 37 41.20 -3.69 17.24
C MET A 37 41.48 -4.92 18.11
N ASN A 38 42.73 -5.07 18.60
CA ASN A 38 43.11 -6.22 19.43
C ASN A 38 43.40 -5.80 20.90
N SER A 39 42.63 -4.83 21.43
CA SER A 39 42.80 -4.35 22.80
C SER A 39 42.35 -5.41 23.80
N SER A 40 43.05 -5.49 24.95
CA SER A 40 42.76 -6.44 26.03
C SER A 40 41.91 -5.80 27.15
N GLY A 41 41.56 -4.51 27.01
CA GLY A 41 40.79 -3.78 28.01
C GLY A 41 39.40 -4.32 28.25
N SER A 42 38.82 -3.96 29.41
CA SER A 42 37.47 -4.40 29.80
C SER A 42 36.42 -3.89 28.83
N HIS A 43 35.24 -4.52 28.83
CA HIS A 43 34.17 -4.15 27.92
C HIS A 43 33.75 -2.70 28.03
N LYS A 44 33.35 -2.22 29.23
CA LYS A 44 32.91 -0.83 29.39
C LYS A 44 33.97 0.20 29.04
N ASP A 45 35.25 -0.10 29.33
CA ASP A 45 36.35 0.80 28.97
C ASP A 45 36.56 0.77 27.46
N LEU A 46 36.59 -0.43 26.86
CA LEU A 46 36.85 -0.55 25.43
C LEU A 46 35.70 0.03 24.61
N ALA A 47 34.45 -0.27 25.02
CA ALA A 47 33.26 0.28 24.33
C ALA A 47 33.24 1.82 24.48
N GLY A 48 33.63 2.32 25.66
CA GLY A 48 33.73 3.75 25.91
C GLY A 48 34.72 4.46 24.99
N LYS A 49 35.86 3.79 24.66
CA LYS A 49 36.89 4.34 23.75
C LYS A 49 36.38 4.33 22.31
N TYR A 50 35.64 3.28 21.91
CA TYR A 50 35.02 3.24 20.59
C TYR A 50 33.97 4.35 20.51
N ARG A 51 33.19 4.54 21.59
CA ARG A 51 32.16 5.58 21.63
C ARG A 51 32.77 6.98 21.52
N GLN A 52 33.94 7.22 22.14
CA GLN A 52 34.63 8.50 22.04
C GLN A 52 35.03 8.78 20.56
N ILE A 53 35.54 7.76 19.87
CA ILE A 53 35.91 7.87 18.45
C ILE A 53 34.65 8.12 17.59
N LEU A 54 33.52 7.47 17.95
CA LEU A 54 32.26 7.67 17.23
C LEU A 54 31.80 9.14 17.40
N GLU A 55 31.88 9.67 18.61
CA GLU A 55 31.49 11.07 18.89
C GLU A 55 32.39 12.04 18.11
N LYS A 56 33.69 11.74 17.97
CA LYS A 56 34.63 12.54 17.19
C LYS A 56 34.22 12.52 15.71
N ALA A 57 33.98 11.32 15.15
CA ALA A 57 33.54 11.16 13.75
C ALA A 57 32.25 11.93 13.49
N ILE A 58 31.27 11.86 14.42
CA ILE A 58 29.97 12.54 14.31
C ILE A 58 30.11 14.08 14.34
N GLN A 59 31.10 14.64 15.07
CA GLN A 59 31.30 16.09 15.16
C GLN A 59 31.98 16.72 13.90
N LEU A 60 32.45 15.89 12.94
CA LEU A 60 33.00 16.36 11.67
C LEU A 60 31.80 16.85 10.79
N SER A 61 32.04 17.69 9.75
CA SER A 61 30.94 18.36 9.03
C SER A 61 30.51 17.91 7.60
N GLY A 62 31.41 17.51 6.72
CA GLY A 62 31.01 17.21 5.33
C GLY A 62 31.51 15.91 4.77
N ALA A 63 32.40 15.98 3.76
CA ALA A 63 33.01 14.78 3.17
C ALA A 63 33.87 14.07 4.21
N GLU A 64 34.44 14.85 5.16
CA GLU A 64 35.27 14.37 6.26
C GLU A 64 34.45 13.46 7.18
N GLN A 65 33.22 13.91 7.50
CA GLN A 65 32.30 13.17 8.37
C GLN A 65 31.89 11.89 7.69
N LEU A 66 31.51 11.97 6.41
CA LEU A 66 31.07 10.80 5.65
C LEU A 66 32.19 9.74 5.63
N GLU A 67 33.42 10.16 5.30
CA GLU A 67 34.59 9.28 5.29
C GLU A 67 34.85 8.63 6.67
N ALA A 68 34.79 9.42 7.75
CA ALA A 68 35.04 8.93 9.12
C ALA A 68 33.99 7.92 9.55
N LEU A 69 32.72 8.20 9.23
CA LEU A 69 31.63 7.29 9.57
C LEU A 69 31.77 5.96 8.81
N LYS A 70 32.21 6.01 7.55
CA LYS A 70 32.48 4.79 6.77
C LYS A 70 33.64 4.01 7.42
N ALA A 71 34.70 4.71 7.88
CA ALA A 71 35.85 4.04 8.52
C ALA A 71 35.36 3.34 9.81
N PHE A 72 34.43 4.00 10.55
CA PHE A 72 33.82 3.42 11.78
C PHE A 72 33.10 2.09 11.47
N VAL A 73 32.26 2.07 10.42
CA VAL A 73 31.56 0.85 10.04
C VAL A 73 32.56 -0.22 9.62
N GLU A 74 33.51 0.15 8.77
CA GLU A 74 34.52 -0.82 8.33
C GLU A 74 35.28 -1.42 9.53
N ALA A 75 35.59 -0.63 10.57
CA ALA A 75 36.28 -1.16 11.75
C ALA A 75 35.37 -2.14 12.52
N MET A 76 34.09 -1.80 12.65
CA MET A 76 33.17 -2.65 13.40
C MET A 76 32.88 -4.02 12.77
N VAL A 77 32.80 -4.11 11.43
CA VAL A 77 32.49 -5.38 10.76
C VAL A 77 33.70 -6.29 10.66
N ASN A 78 34.89 -5.76 10.98
CA ASN A 78 36.12 -6.53 11.01
C ASN A 78 35.95 -7.69 12.00
N GLU A 79 36.23 -8.93 11.53
CA GLU A 79 36.07 -10.15 12.34
C GLU A 79 36.94 -10.17 13.61
N ASN A 80 37.99 -9.34 13.67
CA ASN A 80 38.86 -9.27 14.86
C ASN A 80 38.26 -8.42 15.98
N VAL A 81 37.11 -7.78 15.75
CA VAL A 81 36.39 -7.04 16.77
C VAL A 81 35.29 -8.01 17.24
N SER A 82 35.22 -8.25 18.56
CA SER A 82 34.24 -9.18 19.10
CA SER A 82 34.23 -9.17 19.14
C SER A 82 32.82 -8.68 18.83
N LEU A 83 31.90 -9.61 18.54
CA LEU A 83 30.52 -9.25 18.25
C LEU A 83 29.91 -8.49 19.37
N VAL A 84 30.26 -8.81 20.60
CA VAL A 84 29.64 -8.07 21.71
C VAL A 84 29.89 -6.54 21.60
N ILE A 85 31.07 -6.16 21.18
CA ILE A 85 31.42 -4.76 20.98
C ILE A 85 30.77 -4.22 19.69
N SER A 86 30.99 -4.89 18.57
CA SER A 86 30.48 -4.38 17.30
C SER A 86 28.97 -4.25 17.25
N ARG A 87 28.22 -5.18 17.86
CA ARG A 87 26.77 -5.03 17.89
C ARG A 87 26.38 -3.79 18.70
N GLN A 88 26.99 -3.62 19.86
CA GLN A 88 26.66 -2.48 20.71
C GLN A 88 26.99 -1.17 19.98
N LEU A 89 28.21 -1.07 19.47
CA LEU A 89 28.64 0.17 18.81
C LEU A 89 27.91 0.41 17.50
N LEU A 90 27.55 -0.65 16.72
CA LEU A 90 26.74 -0.41 15.52
C LEU A 90 25.32 0.07 15.90
N THR A 91 24.76 -0.42 16.99
CA THR A 91 23.49 0.07 17.51
C THR A 91 23.65 1.56 17.88
N ASP A 92 24.69 1.92 18.65
CA ASP A 92 24.98 3.31 19.06
C ASP A 92 25.14 4.21 17.79
N PHE A 93 25.88 3.72 16.80
CA PHE A 93 26.14 4.40 15.52
C PHE A 93 24.83 4.70 14.82
N CYS A 94 23.93 3.71 14.75
CA CYS A 94 22.63 3.88 14.10
CA CYS A 94 22.66 3.89 14.07
C CYS A 94 21.76 4.95 14.73
N THR A 95 21.86 5.13 16.07
CA THR A 95 21.04 6.15 16.74
C THR A 95 21.40 7.57 16.32
N HIS A 96 22.63 7.80 15.86
CA HIS A 96 23.08 9.13 15.43
C HIS A 96 22.68 9.49 13.99
N LEU A 97 22.42 8.49 13.13
CA LEU A 97 22.20 8.72 11.71
C LEU A 97 20.89 9.48 11.38
N PRO A 98 19.76 9.29 12.10
CA PRO A 98 18.56 10.08 11.80
C PRO A 98 18.75 11.58 12.02
N ASN A 99 19.69 11.98 12.89
CA ASN A 99 19.99 13.38 13.16
C ASN A 99 20.77 14.06 12.01
N LEU A 100 21.36 13.27 11.09
CA LEU A 100 22.12 13.78 9.94
C LEU A 100 21.21 14.16 8.76
N PRO A 101 21.71 14.98 7.80
CA PRO A 101 20.91 15.27 6.60
C PRO A 101 20.56 13.98 5.86
N ASP A 102 19.41 13.95 5.22
CA ASP A 102 18.92 12.74 4.54
C ASP A 102 19.86 12.17 3.47
N SER A 103 20.49 13.05 2.67
CA SER A 103 21.41 12.59 1.61
C SER A 103 22.60 11.86 2.22
N THR A 104 23.10 12.35 3.38
CA THR A 104 24.22 11.74 4.10
C THR A 104 23.77 10.42 4.74
N ALA A 105 22.67 10.48 5.50
CA ALA A 105 22.13 9.28 6.16
C ALA A 105 21.86 8.17 5.12
N LYS A 106 21.26 8.51 3.98
CA LYS A 106 20.97 7.53 2.92
C LYS A 106 22.23 6.81 2.42
N GLU A 107 23.27 7.59 2.14
CA GLU A 107 24.52 7.04 1.68
C GLU A 107 25.13 6.13 2.74
N ILE A 108 25.11 6.54 4.03
CA ILE A 108 25.70 5.75 5.09
C ILE A 108 24.86 4.46 5.33
N TYR A 109 23.53 4.54 5.26
CA TYR A 109 22.70 3.33 5.45
C TYR A 109 23.01 2.31 4.37
N HIS A 110 23.06 2.72 3.10
CA HIS A 110 23.38 1.77 2.01
C HIS A 110 24.79 1.17 2.19
N PHE A 111 25.76 2.02 2.53
CA PHE A 111 27.15 1.59 2.74
C PHE A 111 27.20 0.54 3.85
N THR A 112 26.49 0.82 4.96
CA THR A 112 26.48 -0.07 6.12
C THR A 112 25.85 -1.41 5.77
N LEU A 113 24.72 -1.43 5.03
CA LEU A 113 24.13 -2.71 4.62
C LEU A 113 25.11 -3.50 3.76
N GLU A 114 25.80 -2.83 2.81
CA GLU A 114 26.78 -3.45 1.94
C GLU A 114 27.92 -4.08 2.72
N LYS A 115 28.47 -3.36 3.72
CA LYS A 115 29.60 -3.86 4.53
C LYS A 115 29.20 -4.93 5.54
N ILE A 116 27.95 -4.95 5.98
CA ILE A 116 27.45 -5.98 6.88
C ILE A 116 27.17 -7.28 6.10
N GLN A 117 26.86 -7.18 4.79
CA GLN A 117 26.41 -8.32 3.99
C GLN A 117 27.23 -9.58 4.18
N PRO A 118 28.59 -9.56 4.21
CA PRO A 118 29.32 -10.82 4.43
C PRO A 118 29.05 -11.51 5.77
N ARG A 119 28.55 -10.78 6.79
CA ARG A 119 28.25 -11.34 8.12
C ARG A 119 26.81 -10.98 8.49
N VAL A 120 25.90 -10.91 7.51
CA VAL A 120 24.53 -10.46 7.72
C VAL A 120 23.78 -11.23 8.81
N ILE A 121 24.02 -12.54 8.95
CA ILE A 121 23.36 -13.33 9.99
C ILE A 121 23.75 -12.86 11.41
N SER A 122 24.97 -12.35 11.60
CA SER A 122 25.39 -11.87 12.91
C SER A 122 24.83 -10.49 13.28
N PHE A 123 24.46 -9.65 12.31
CA PHE A 123 23.97 -8.29 12.53
C PHE A 123 22.51 -8.08 12.10
N GLU A 124 21.69 -9.10 12.27
CA GLU A 124 20.28 -9.04 11.84
C GLU A 124 19.49 -7.88 12.47
N GLU A 125 19.70 -7.65 13.77
CA GLU A 125 19.02 -6.58 14.47
C GLU A 125 19.37 -5.20 13.85
N GLN A 126 20.65 -5.00 13.54
CA GLN A 126 21.12 -3.74 13.01
C GLN A 126 20.57 -3.56 11.59
N VAL A 127 20.61 -4.61 10.78
CA VAL A 127 20.07 -4.57 9.41
C VAL A 127 18.61 -4.13 9.43
N ALA A 128 17.83 -4.71 10.32
CA ALA A 128 16.41 -4.36 10.37
C ALA A 128 16.23 -2.88 10.72
N SER A 129 16.97 -2.38 11.73
CA SER A 129 16.87 -0.97 12.11
C SER A 129 17.26 -0.07 10.95
N ILE A 130 18.36 -0.38 10.28
CA ILE A 130 18.86 0.43 9.17
C ILE A 130 17.79 0.42 8.05
N ARG A 131 17.25 -0.76 7.71
CA ARG A 131 16.26 -0.82 6.61
C ARG A 131 15.02 -0.01 6.94
N GLN A 132 14.57 -0.03 8.19
CA GLN A 132 13.40 0.78 8.58
C GLN A 132 13.75 2.29 8.41
N HIS A 133 14.92 2.73 8.89
CA HIS A 133 15.26 4.16 8.72
C HIS A 133 15.46 4.56 7.25
N LEU A 134 16.12 3.70 6.48
CA LEU A 134 16.39 3.98 5.07
C LEU A 134 15.06 4.04 4.27
N ALA A 135 14.17 3.09 4.52
CA ALA A 135 12.85 3.09 3.85
C ALA A 135 12.07 4.39 4.19
N SER A 136 12.20 4.88 5.43
CA SER A 136 11.53 6.13 5.84
C SER A 136 12.02 7.34 5.05
N ILE A 137 13.32 7.37 4.68
CA ILE A 137 13.87 8.44 3.86
C ILE A 137 13.27 8.33 2.47
N TYR A 138 13.33 7.14 1.85
CA TYR A 138 12.73 6.99 0.52
C TYR A 138 11.25 7.37 0.54
N GLU A 139 10.52 7.02 1.61
CA GLU A 139 9.10 7.35 1.73
C GLU A 139 8.90 8.89 1.76
N LYS A 140 9.68 9.57 2.59
CA LYS A 140 9.64 11.03 2.69
C LYS A 140 9.89 11.72 1.32
N GLU A 141 10.74 11.12 0.49
CA GLU A 141 11.07 11.62 -0.84
C GLU A 141 10.09 11.12 -1.92
N GLU A 142 9.02 10.37 -1.54
CA GLU A 142 8.03 9.80 -2.46
C GLU A 142 8.64 8.86 -3.49
N ASP A 143 9.69 8.15 -3.07
CA ASP A 143 10.38 7.15 -3.89
C ASP A 143 9.82 5.83 -3.38
N TRP A 144 8.56 5.62 -3.71
CA TRP A 144 7.77 4.54 -3.14
C TRP A 144 8.31 3.12 -3.36
N ARG A 145 8.75 2.82 -4.57
CA ARG A 145 9.24 1.49 -4.92
C ARG A 145 10.51 1.17 -4.18
N ASN A 146 11.45 2.14 -4.08
CA ASN A 146 12.69 1.93 -3.32
C ASN A 146 12.36 1.72 -1.83
N ALA A 147 11.41 2.49 -1.28
CA ALA A 147 11.05 2.31 0.13
C ALA A 147 10.50 0.91 0.35
N ALA A 148 9.60 0.47 -0.52
CA ALA A 148 9.03 -0.86 -0.36
C ALA A 148 10.09 -1.95 -0.46
N GLN A 149 10.97 -1.86 -1.44
CA GLN A 149 12.01 -2.87 -1.66
C GLN A 149 12.97 -2.94 -0.49
N VAL A 150 13.28 -1.81 0.12
CA VAL A 150 14.16 -1.79 1.29
C VAL A 150 13.50 -2.59 2.43
N LEU A 151 12.19 -2.41 2.65
CA LEU A 151 11.49 -3.14 3.71
C LEU A 151 11.30 -4.60 3.39
N VAL A 152 11.07 -4.92 2.12
CA VAL A 152 10.93 -6.29 1.67
C VAL A 152 12.24 -7.05 1.97
N GLY A 153 13.38 -6.36 1.96
CA GLY A 153 14.65 -6.99 2.27
C GLY A 153 14.85 -7.37 3.73
N ILE A 154 13.96 -6.93 4.66
CA ILE A 154 14.08 -7.37 6.05
C ILE A 154 13.63 -8.84 6.12
N PRO A 155 14.46 -9.73 6.66
CA PRO A 155 14.10 -11.15 6.73
C PRO A 155 13.21 -11.50 7.93
N LEU A 156 11.92 -11.23 7.80
CA LEU A 156 10.93 -11.47 8.86
C LEU A 156 10.72 -12.91 9.21
N GLU A 157 10.89 -13.83 8.23
CA GLU A 157 10.75 -15.27 8.45
C GLU A 157 12.06 -16.06 8.19
N THR A 158 13.02 -15.50 7.37
CA THR A 158 14.30 -16.15 6.99
C THR A 158 15.45 -15.92 7.95
N GLY A 159 15.29 -15.05 8.94
CA GLY A 159 16.36 -14.75 9.89
C GLY A 159 16.35 -15.64 11.12
N GLN A 160 17.34 -15.41 12.02
CA GLN A 160 17.47 -16.13 13.29
C GLN A 160 16.58 -15.46 14.36
N LYS A 161 16.27 -14.15 14.19
CA LYS A 161 15.43 -13.40 15.12
C LYS A 161 13.99 -13.87 14.94
N GLN A 162 13.27 -14.09 16.06
CA GLN A 162 11.84 -14.45 16.02
C GLN A 162 11.11 -13.12 16.24
N TYR A 163 10.70 -12.45 15.14
CA TYR A 163 10.06 -11.14 15.23
C TYR A 163 8.67 -11.27 15.81
N ASN A 164 8.24 -10.30 16.62
CA ASN A 164 6.88 -10.40 17.15
C ASN A 164 5.88 -10.16 15.99
N VAL A 165 4.68 -10.68 16.19
CA VAL A 165 3.61 -10.60 15.21
C VAL A 165 3.34 -9.17 14.79
N ASP A 166 3.31 -8.22 15.76
CA ASP A 166 2.98 -6.82 15.43
C ASP A 166 4.04 -6.14 14.62
N TYR A 167 5.30 -6.53 14.79
CA TYR A 167 6.36 -5.95 13.98
C TYR A 167 6.19 -6.42 12.54
N LYS A 168 5.88 -7.71 12.37
CA LYS A 168 5.71 -8.26 11.04
C LYS A 168 4.47 -7.65 10.38
N LEU A 169 3.35 -7.53 11.11
CA LEU A 169 2.12 -6.95 10.58
C LEU A 169 2.33 -5.50 10.18
N GLU A 170 2.99 -4.71 11.04
CA GLU A 170 3.24 -3.29 10.74
C GLU A 170 4.12 -3.17 9.49
N THR A 171 5.09 -4.04 9.34
CA THR A 171 6.00 -3.98 8.20
C THR A 171 5.27 -4.35 6.91
N TYR A 172 4.50 -5.44 6.90
CA TYR A 172 3.72 -5.79 5.68
C TYR A 172 2.69 -4.71 5.35
N LEU A 173 2.05 -4.12 6.34
CA LEU A 173 1.10 -3.04 6.11
CA LEU A 173 1.10 -3.03 6.05
C LEU A 173 1.82 -1.86 5.42
N LYS A 174 3.02 -1.51 5.90
CA LYS A 174 3.79 -0.41 5.32
C LYS A 174 4.16 -0.73 3.88
N ILE A 175 4.60 -1.95 3.63
CA ILE A 175 4.97 -2.35 2.27
C ILE A 175 3.76 -2.20 1.34
N ALA A 176 2.60 -2.74 1.77
CA ALA A 176 1.38 -2.68 0.95
C ALA A 176 1.01 -1.23 0.66
N ARG A 177 1.05 -0.35 1.69
CA ARG A 177 0.73 1.06 1.48
C ARG A 177 1.70 1.70 0.48
N LEU A 178 2.99 1.36 0.54
CA LEU A 178 3.99 1.94 -0.37
C LEU A 178 3.72 1.48 -1.80
N TYR A 179 3.38 0.23 -1.99
CA TYR A 179 3.06 -0.24 -3.34
C TYR A 179 1.77 0.42 -3.88
N LEU A 180 0.80 0.72 -3.02
CA LEU A 180 -0.39 1.46 -3.48
C LEU A 180 0.02 2.87 -3.89
N GLU A 181 0.91 3.52 -3.14
CA GLU A 181 1.39 4.84 -3.53
C GLU A 181 2.10 4.77 -4.89
N ASP A 182 2.74 3.64 -5.20
CA ASP A 182 3.42 3.43 -6.46
C ASP A 182 2.52 2.98 -7.60
N ASP A 183 1.19 2.97 -7.38
CA ASP A 183 0.21 2.51 -8.35
C ASP A 183 0.52 1.08 -8.78
N ASP A 184 0.80 0.22 -7.78
CA ASP A 184 1.09 -1.20 -8.00
C ASP A 184 0.20 -2.02 -7.07
N PRO A 185 -1.10 -2.02 -7.35
CA PRO A 185 -2.01 -2.73 -6.46
C PRO A 185 -1.82 -4.23 -6.42
N VAL A 186 -1.30 -4.84 -7.51
CA VAL A 186 -1.08 -6.30 -7.49
C VAL A 186 0.01 -6.66 -6.47
N GLN A 187 1.11 -5.87 -6.43
CA GLN A 187 2.16 -6.11 -5.42
C GLN A 187 1.64 -5.76 -4.05
N ALA A 188 0.86 -4.67 -3.91
CA ALA A 188 0.27 -4.34 -2.62
C ALA A 188 -0.58 -5.48 -2.06
N GLU A 189 -1.39 -6.09 -2.91
CA GLU A 189 -2.25 -7.20 -2.53
C GLU A 189 -1.41 -8.39 -2.10
N ALA A 190 -0.30 -8.65 -2.78
CA ALA A 190 0.57 -9.78 -2.40
C ALA A 190 1.05 -9.65 -0.98
N TYR A 191 1.38 -8.43 -0.53
CA TYR A 191 1.86 -8.25 0.84
C TYR A 191 0.74 -8.08 1.86
N ILE A 192 -0.42 -7.47 1.47
CA ILE A 192 -1.52 -7.41 2.42
C ILE A 192 -2.02 -8.82 2.69
N ASN A 193 -1.89 -9.77 1.70
CA ASN A 193 -2.25 -11.15 1.93
C ASN A 193 -1.34 -11.84 2.94
N ARG A 194 -0.07 -11.49 2.98
CA ARG A 194 0.81 -12.02 4.03
C ARG A 194 0.43 -11.45 5.40
N ALA A 195 0.05 -10.19 5.45
CA ALA A 195 -0.42 -9.56 6.68
C ALA A 195 -1.72 -10.24 7.17
N SER A 196 -2.62 -10.66 6.24
CA SER A 196 -3.88 -11.30 6.61
CA SER A 196 -3.87 -11.30 6.62
C SER A 196 -3.67 -12.55 7.46
N LEU A 197 -2.54 -13.26 7.25
CA LEU A 197 -2.26 -14.48 7.98
C LEU A 197 -1.88 -14.24 9.46
N LEU A 198 -1.49 -13.02 9.79
CA LEU A 198 -1.03 -12.60 11.11
C LEU A 198 -2.05 -11.84 11.93
N GLN A 199 -2.86 -11.00 11.26
CA GLN A 199 -3.70 -10.00 11.89
C GLN A 199 -4.56 -10.55 13.00
N ASN A 200 -5.03 -11.79 12.91
CA ASN A 200 -5.83 -12.37 14.00
C ASN A 200 -5.02 -12.75 15.23
N GLU A 201 -3.73 -13.08 15.05
CA GLU A 201 -2.82 -13.47 16.15
C GLU A 201 -2.36 -12.23 16.96
N SER A 202 -2.51 -11.02 16.37
CA SER A 202 -2.18 -9.76 17.01
C SER A 202 -3.17 -9.44 18.12
N THR A 203 -2.72 -8.72 19.16
CA THR A 203 -3.60 -8.24 20.23
C THR A 203 -3.66 -6.69 20.15
N ASN A 204 -3.15 -6.06 19.04
CA ASN A 204 -3.14 -4.62 18.90
C ASN A 204 -4.33 -4.30 18.02
N GLU A 205 -5.42 -3.89 18.66
CA GLU A 205 -6.63 -3.56 17.93
C GLU A 205 -6.48 -2.41 16.94
N GLN A 206 -5.78 -1.31 17.32
CA GLN A 206 -5.63 -0.20 16.36
C GLN A 206 -4.89 -0.68 15.10
N LEU A 207 -3.87 -1.52 15.26
CA LEU A 207 -3.12 -2.06 14.11
C LEU A 207 -4.01 -2.95 13.24
N GLN A 208 -4.86 -3.77 13.89
CA GLN A 208 -5.83 -4.60 13.15
C GLN A 208 -6.79 -3.72 12.34
N ILE A 209 -7.25 -2.57 12.89
CA ILE A 209 -8.13 -1.68 12.13
C ILE A 209 -7.34 -1.05 10.98
N HIS A 210 -6.08 -0.66 11.21
CA HIS A 210 -5.28 -0.11 10.09
C HIS A 210 -5.16 -1.18 9.00
N TYR A 211 -5.00 -2.44 9.40
CA TYR A 211 -4.94 -3.52 8.42
C TYR A 211 -6.26 -3.64 7.61
N LYS A 212 -7.39 -3.59 8.29
CA LYS A 212 -8.71 -3.69 7.64
C LYS A 212 -8.88 -2.55 6.64
N VAL A 213 -8.49 -1.33 7.01
CA VAL A 213 -8.58 -0.20 6.11
C VAL A 213 -7.70 -0.38 4.88
N CYS A 214 -6.47 -0.84 5.10
CA CYS A 214 -5.58 -1.06 3.98
C CYS A 214 -6.10 -2.14 3.05
N TYR A 215 -6.63 -3.23 3.60
CA TYR A 215 -7.14 -4.35 2.81
C TYR A 215 -8.29 -3.82 1.95
N ALA A 216 -9.21 -3.03 2.54
CA ALA A 216 -10.32 -2.47 1.74
C ALA A 216 -9.83 -1.58 0.62
N ARG A 217 -8.81 -0.76 0.92
CA ARG A 217 -8.19 0.12 -0.10
C ARG A 217 -7.54 -0.67 -1.22
N VAL A 218 -6.85 -1.74 -0.87
CA VAL A 218 -6.20 -2.59 -1.88
C VAL A 218 -7.27 -3.18 -2.80
N LEU A 219 -8.37 -3.69 -2.20
CA LEU A 219 -9.45 -4.26 -3.03
C LEU A 219 -10.03 -3.21 -3.98
N ASP A 220 -10.23 -2.02 -3.48
CA ASP A 220 -10.73 -0.89 -4.27
C ASP A 220 -9.77 -0.61 -5.44
N TYR A 221 -8.47 -0.48 -5.15
CA TYR A 221 -7.49 -0.22 -6.21
C TYR A 221 -7.45 -1.37 -7.23
N ARG A 222 -7.72 -2.61 -6.77
CA ARG A 222 -7.73 -3.80 -7.67
C ARG A 222 -9.02 -3.93 -8.47
N ARG A 223 -9.96 -2.98 -8.27
CA ARG A 223 -11.29 -3.00 -8.91
C ARG A 223 -12.13 -4.19 -8.46
N LYS A 224 -11.87 -4.71 -7.27
CA LYS A 224 -12.69 -5.76 -6.63
C LYS A 224 -13.70 -4.97 -5.80
N PHE A 225 -14.56 -4.25 -6.51
CA PHE A 225 -15.40 -3.22 -5.88
C PHE A 225 -16.42 -3.73 -4.93
N ILE A 226 -17.08 -4.85 -5.22
CA ILE A 226 -18.08 -5.31 -4.29
C ILE A 226 -17.43 -5.89 -3.01
N GLU A 227 -16.26 -6.54 -3.14
CA GLU A 227 -15.53 -7.02 -1.98
C GLU A 227 -15.05 -5.81 -1.12
N ALA A 228 -14.54 -4.75 -1.78
CA ALA A 228 -14.11 -3.54 -1.07
C ALA A 228 -15.30 -2.91 -0.37
N ALA A 229 -16.44 -2.84 -1.05
CA ALA A 229 -17.64 -2.22 -0.48
C ALA A 229 -18.05 -2.92 0.80
N GLN A 230 -18.06 -4.25 0.78
CA GLN A 230 -18.43 -5.02 1.99
C GLN A 230 -17.47 -4.71 3.16
N ARG A 231 -16.16 -4.64 2.90
CA ARG A 231 -15.17 -4.37 3.96
C ARG A 231 -15.32 -2.92 4.47
N TYR A 232 -15.50 -1.95 3.56
CA TYR A 232 -15.70 -0.57 3.99
C TYR A 232 -16.99 -0.46 4.83
N ASN A 233 -18.07 -1.12 4.39
CA ASN A 233 -19.34 -1.07 5.12
C ASN A 233 -19.15 -1.61 6.54
N GLU A 234 -18.42 -2.73 6.68
CA GLU A 234 -18.22 -3.29 8.01
CA GLU A 234 -18.12 -3.32 8.00
C GLU A 234 -17.41 -2.34 8.90
N LEU A 235 -16.41 -1.63 8.33
CA LEU A 235 -15.64 -0.62 9.11
C LEU A 235 -16.58 0.48 9.62
N SER A 236 -17.62 0.84 8.83
CA SER A 236 -18.54 1.90 9.21
C SER A 236 -19.35 1.61 10.45
N TYR A 237 -19.43 0.34 10.84
CA TYR A 237 -20.21 -0.10 11.97
C TYR A 237 -19.41 -0.06 13.28
N LYS A 238 -18.09 0.15 13.19
CA LYS A 238 -17.24 0.02 14.35
C LYS A 238 -17.34 1.22 15.27
N THR A 239 -18.02 1.07 16.42
CA THR A 239 -18.20 2.22 17.34
C THR A 239 -16.88 2.70 17.95
N ILE A 240 -15.80 1.90 17.87
CA ILE A 240 -14.49 2.32 18.37
C ILE A 240 -13.82 3.35 17.43
N VAL A 241 -14.32 3.45 16.20
CA VAL A 241 -13.83 4.38 15.18
C VAL A 241 -14.63 5.66 15.35
N HIS A 242 -13.97 6.84 15.22
CA HIS A 242 -14.67 8.10 15.33
C HIS A 242 -15.77 8.19 14.26
N GLU A 243 -16.91 8.81 14.63
CA GLU A 243 -18.07 8.97 13.75
C GLU A 243 -17.69 9.53 12.36
N SER A 244 -16.80 10.53 12.31
CA SER A 244 -16.41 11.11 11.02
C SER A 244 -15.73 10.08 10.11
N GLU A 245 -14.93 9.18 10.69
CA GLU A 245 -14.28 8.15 9.90
C GLU A 245 -15.24 6.99 9.59
N ARG A 246 -16.20 6.69 10.47
CA ARG A 246 -17.20 5.70 10.08
C ARG A 246 -17.99 6.21 8.86
N LEU A 247 -18.29 7.54 8.80
CA LEU A 247 -19.03 8.07 7.65
C LEU A 247 -18.17 8.07 6.40
N GLU A 248 -16.85 8.30 6.57
CA GLU A 248 -15.92 8.20 5.42
C GLU A 248 -15.88 6.75 4.89
N ALA A 249 -15.86 5.78 5.81
CA ALA A 249 -15.89 4.36 5.37
C ALA A 249 -17.21 4.07 4.63
N LEU A 250 -18.34 4.57 5.14
CA LEU A 250 -19.63 4.36 4.48
C LEU A 250 -19.65 4.99 3.07
N LYS A 251 -19.05 6.20 2.93
CA LYS A 251 -18.96 6.85 1.64
C LYS A 251 -18.12 6.00 0.65
N HIS A 252 -17.03 5.45 1.15
CA HIS A 252 -16.21 4.58 0.29
C HIS A 252 -17.02 3.33 -0.11
N ALA A 253 -17.79 2.77 0.82
CA ALA A 253 -18.62 1.61 0.51
C ALA A 253 -19.64 1.93 -0.57
N LEU A 254 -20.28 3.07 -0.45
CA LEU A 254 -21.25 3.50 -1.43
C LEU A 254 -20.65 3.70 -2.78
N HIS A 255 -19.54 4.42 -2.89
CA HIS A 255 -18.94 4.66 -4.19
C HIS A 255 -18.50 3.35 -4.84
N CYS A 256 -17.94 2.43 -4.04
CA CYS A 256 -17.52 1.13 -4.59
C CYS A 256 -18.72 0.34 -5.08
N THR A 257 -19.84 0.41 -4.34
CA THR A 257 -21.01 -0.36 -4.72
C THR A 257 -21.56 0.15 -6.05
N ILE A 258 -21.59 1.48 -6.23
CA ILE A 258 -22.08 2.07 -7.48
C ILE A 258 -21.20 1.64 -8.66
N LEU A 259 -19.87 1.61 -8.47
CA LEU A 259 -18.92 1.19 -9.49
C LEU A 259 -18.86 -0.33 -9.75
N ALA A 260 -19.38 -1.13 -8.84
CA ALA A 260 -19.34 -2.56 -8.96
C ALA A 260 -20.12 -3.09 -10.18
N SER A 261 -19.73 -4.28 -10.62
CA SER A 261 -20.40 -4.94 -11.74
C SER A 261 -21.83 -5.34 -11.31
N ALA A 262 -22.79 -5.06 -12.18
CA ALA A 262 -24.22 -5.28 -11.90
C ALA A 262 -24.51 -6.74 -11.57
N GLY A 263 -25.42 -6.96 -10.65
CA GLY A 263 -25.86 -8.30 -10.31
C GLY A 263 -26.44 -8.39 -8.93
N GLN A 264 -26.62 -9.63 -8.47
CA GLN A 264 -27.23 -9.90 -7.17
C GLN A 264 -26.45 -9.38 -5.98
N GLN A 265 -25.12 -9.60 -5.90
CA GLN A 265 -24.34 -9.12 -4.77
C GLN A 265 -24.40 -7.59 -4.69
N ARG A 266 -24.22 -6.95 -5.87
CA ARG A 266 -24.28 -5.48 -5.89
C ARG A 266 -25.65 -4.98 -5.47
N SER A 267 -26.73 -5.59 -5.98
CA SER A 267 -28.08 -5.12 -5.60
C SER A 267 -28.36 -5.35 -4.10
N ARG A 268 -27.82 -6.41 -3.51
CA ARG A 268 -27.97 -6.65 -2.07
C ARG A 268 -27.24 -5.58 -1.26
N MET A 269 -26.04 -5.14 -1.72
CA MET A 269 -25.34 -4.06 -1.02
C MET A 269 -26.08 -2.74 -1.19
N LEU A 270 -26.67 -2.49 -2.39
CA LEU A 270 -27.42 -1.23 -2.58
C LEU A 270 -28.58 -1.19 -1.59
N ALA A 271 -29.21 -2.35 -1.32
CA ALA A 271 -30.34 -2.43 -0.39
C ALA A 271 -29.85 -2.17 1.04
N THR A 272 -28.70 -2.75 1.40
CA THR A 272 -28.13 -2.51 2.73
C THR A 272 -27.85 -1.03 2.93
N LEU A 273 -27.20 -0.40 1.94
CA LEU A 273 -26.84 1.01 2.08
C LEU A 273 -28.08 1.91 2.09
N PHE A 274 -29.07 1.61 1.22
CA PHE A 274 -30.29 2.39 1.19
C PHE A 274 -31.04 2.33 2.52
N LYS A 275 -30.96 1.19 3.23
CA LYS A 275 -31.65 1.09 4.50
C LYS A 275 -30.88 1.78 5.63
N ASP A 276 -29.62 2.15 5.38
CA ASP A 276 -28.78 2.83 6.38
C ASP A 276 -29.06 4.32 6.32
N GLU A 277 -29.71 4.86 7.35
CA GLU A 277 -30.10 6.28 7.37
C GLU A 277 -28.92 7.23 7.24
N ARG A 278 -27.70 6.78 7.58
CA ARG A 278 -26.55 7.66 7.47
C ARG A 278 -26.23 8.02 6.04
N CYS A 279 -26.66 7.20 5.06
CA CYS A 279 -26.37 7.50 3.67
C CYS A 279 -27.02 8.79 3.20
N GLN A 280 -28.06 9.27 3.89
CA GLN A 280 -28.71 10.54 3.56
C GLN A 280 -27.78 11.76 3.86
N GLN A 281 -26.64 11.55 4.56
CA GLN A 281 -25.66 12.62 4.77
C GLN A 281 -24.64 12.66 3.63
N LEU A 282 -24.76 11.74 2.62
CA LEU A 282 -23.82 11.65 1.53
C LEU A 282 -24.37 12.24 0.27
N ALA A 283 -23.52 12.97 -0.47
CA ALA A 283 -23.91 13.59 -1.72
C ALA A 283 -24.43 12.60 -2.75
N ALA A 284 -23.93 11.34 -2.74
CA ALA A 284 -24.32 10.33 -3.69
C ALA A 284 -25.62 9.63 -3.30
N TYR A 285 -26.31 10.08 -2.25
CA TYR A 285 -27.58 9.44 -1.87
C TYR A 285 -28.58 9.37 -3.05
N GLY A 286 -28.68 10.43 -3.83
CA GLY A 286 -29.62 10.44 -4.97
C GLY A 286 -29.35 9.31 -5.95
N ILE A 287 -28.09 9.08 -6.24
CA ILE A 287 -27.70 8.02 -7.16
C ILE A 287 -27.96 6.66 -6.52
N LEU A 288 -27.64 6.52 -5.24
CA LEU A 288 -27.92 5.29 -4.49
C LEU A 288 -29.39 4.92 -4.63
N GLU A 289 -30.26 5.87 -4.38
CA GLU A 289 -31.72 5.62 -4.47
C GLU A 289 -32.10 5.13 -5.87
N LYS A 290 -31.61 5.79 -6.90
CA LYS A 290 -31.92 5.40 -8.28
C LYS A 290 -31.39 4.01 -8.60
N MET A 291 -30.16 3.69 -8.15
N MET A 291 -30.20 3.64 -8.16
CA MET A 291 -29.58 2.38 -8.38
CA MET A 291 -29.71 2.30 -8.48
C MET A 291 -30.37 1.31 -7.62
C MET A 291 -30.36 1.24 -7.61
N TYR A 292 -30.68 1.55 -6.36
CA TYR A 292 -31.42 0.63 -5.51
C TYR A 292 -32.83 0.32 -6.12
N LEU A 293 -33.46 1.34 -6.72
CA LEU A 293 -34.76 1.19 -7.34
C LEU A 293 -34.70 0.66 -8.79
N ASP A 294 -33.52 0.22 -9.27
CA ASP A 294 -33.36 -0.37 -10.61
C ASP A 294 -33.81 0.58 -11.70
N ARG A 295 -33.46 1.88 -11.52
CA ARG A 295 -33.78 2.87 -12.55
C ARG A 295 -32.70 2.90 -13.61
N ILE A 296 -33.08 3.28 -14.84
CA ILE A 296 -32.14 3.49 -15.94
C ILE A 296 -31.57 4.92 -15.68
N ILE A 297 -30.24 5.00 -15.54
CA ILE A 297 -29.50 6.21 -15.17
C ILE A 297 -28.98 6.91 -16.39
N ARG A 298 -29.19 8.22 -16.48
CA ARG A 298 -28.72 9.02 -17.60
C ARG A 298 -27.31 9.60 -17.36
N GLY A 299 -26.60 9.88 -18.44
CA GLY A 299 -25.24 10.43 -18.40
C GLY A 299 -25.11 11.68 -17.55
N ASN A 300 -26.00 12.65 -17.79
CA ASN A 300 -26.02 13.93 -17.07
C ASN A 300 -26.23 13.79 -15.55
N GLN A 301 -26.96 12.75 -15.12
CA GLN A 301 -27.27 12.53 -13.69
C GLN A 301 -26.04 12.14 -12.84
N LEU A 302 -24.98 11.61 -13.48
CA LEU A 302 -23.75 11.15 -12.82
C LEU A 302 -22.50 12.03 -13.02
N GLN A 303 -22.61 13.19 -13.68
CA GLN A 303 -21.43 14.05 -13.87
C GLN A 303 -20.89 14.51 -12.52
N GLU A 304 -21.78 14.88 -11.59
CA GLU A 304 -21.33 15.34 -10.28
C GLU A 304 -20.80 14.14 -9.47
N PHE A 305 -21.38 12.97 -9.66
CA PHE A 305 -20.88 11.75 -8.97
C PHE A 305 -19.51 11.37 -9.48
N ALA A 306 -19.31 11.41 -10.81
CA ALA A 306 -18.00 11.12 -11.36
C ALA A 306 -16.95 12.07 -10.80
N ALA A 307 -17.30 13.37 -10.57
CA ALA A 307 -16.37 14.28 -9.92
C ALA A 307 -16.14 13.91 -8.43
N MET A 308 -17.06 13.14 -7.75
CA MET A 308 -16.87 12.70 -6.34
C MET A 308 -15.81 11.57 -6.22
N LEU A 309 -15.35 10.93 -7.34
CA LEU A 309 -14.48 9.73 -7.26
C LEU A 309 -12.99 9.95 -7.03
N MET A 310 -12.30 8.90 -6.55
N MET A 310 -12.29 8.92 -6.51
CA MET A 310 -10.85 8.89 -6.36
CA MET A 310 -10.85 9.00 -6.34
C MET A 310 -10.18 8.76 -7.71
C MET A 310 -10.17 8.74 -7.68
N PRO A 311 -8.92 9.23 -7.86
CA PRO A 311 -8.24 9.09 -9.17
C PRO A 311 -8.26 7.72 -9.80
N HIS A 312 -7.91 6.68 -9.02
CA HIS A 312 -7.83 5.34 -9.59
C HIS A 312 -9.21 4.86 -10.10
N GLN A 313 -10.31 5.38 -9.55
CA GLN A 313 -11.68 5.01 -9.94
C GLN A 313 -12.15 5.68 -11.22
N LYS A 314 -11.34 6.60 -11.77
CA LYS A 314 -11.66 7.36 -12.95
C LYS A 314 -10.87 6.84 -14.16
N ALA A 315 -10.17 5.72 -14.00
CA ALA A 315 -9.36 5.16 -15.09
C ALA A 315 -10.20 4.94 -16.35
N THR A 316 -9.62 5.28 -17.52
CA THR A 316 -10.25 5.11 -18.81
C THR A 316 -9.38 4.26 -19.74
N THR A 317 -10.02 3.52 -20.61
CA THR A 317 -9.29 2.68 -21.59
C THR A 317 -8.97 3.56 -22.79
N ALA A 318 -8.23 3.03 -23.78
CA ALA A 318 -7.85 3.75 -24.99
C ALA A 318 -9.06 4.35 -25.75
N ASP A 319 -10.22 3.66 -25.76
CA ASP A 319 -11.43 4.16 -26.42
C ASP A 319 -12.12 5.32 -25.64
N GLY A 320 -11.64 5.65 -24.43
CA GLY A 320 -12.17 6.74 -23.63
C GLY A 320 -13.21 6.32 -22.61
N SER A 321 -13.53 5.01 -22.55
CA SER A 321 -14.52 4.43 -21.62
C SER A 321 -13.97 4.38 -20.21
N SER A 322 -14.73 4.88 -19.21
CA SER A 322 -14.31 4.83 -17.83
C SER A 322 -14.94 3.68 -17.09
N ILE A 323 -14.41 3.41 -15.89
CA ILE A 323 -14.97 2.39 -15.02
C ILE A 323 -16.46 2.69 -14.80
N LEU A 324 -16.79 3.95 -14.47
CA LEU A 324 -18.16 4.33 -14.19
C LEU A 324 -19.05 4.16 -15.44
N ASP A 325 -18.55 4.53 -16.60
CA ASP A 325 -19.32 4.36 -17.83
C ASP A 325 -19.72 2.92 -18.01
N ARG A 326 -18.80 1.99 -17.78
CA ARG A 326 -19.11 0.57 -17.99
C ARG A 326 -20.07 0.05 -16.91
N ALA A 327 -19.93 0.51 -15.66
CA ALA A 327 -20.79 0.07 -14.57
C ALA A 327 -22.23 0.53 -14.80
N VAL A 328 -22.39 1.73 -15.32
CA VAL A 328 -23.73 2.30 -15.59
C VAL A 328 -24.39 1.53 -16.72
N ILE A 329 -23.64 1.21 -17.78
CA ILE A 329 -24.21 0.41 -18.86
C ILE A 329 -24.71 -0.94 -18.35
N GLU A 330 -23.90 -1.64 -17.52
CA GLU A 330 -24.34 -2.92 -16.99
C GLU A 330 -25.56 -2.77 -16.12
N HIS A 331 -25.58 -1.74 -15.26
CA HIS A 331 -26.70 -1.50 -14.37
C HIS A 331 -27.97 -1.23 -15.23
N ASN A 332 -27.80 -0.40 -16.25
CA ASN A 332 -28.92 -0.03 -17.12
C ASN A 332 -29.47 -1.23 -17.88
N LEU A 333 -28.57 -2.12 -18.34
CA LEU A 333 -29.01 -3.30 -19.05
C LEU A 333 -29.78 -4.24 -18.11
N LEU A 334 -29.26 -4.45 -16.90
CA LEU A 334 -29.98 -5.31 -15.97
C LEU A 334 -31.35 -4.68 -15.59
N SER A 335 -31.38 -3.35 -15.45
CA SER A 335 -32.62 -2.68 -15.11
C SER A 335 -33.62 -2.83 -16.26
N ALA A 336 -33.17 -2.70 -17.51
CA ALA A 336 -34.05 -2.88 -18.67
C ALA A 336 -34.59 -4.32 -18.70
N SER A 337 -33.77 -5.30 -18.29
CA SER A 337 -34.22 -6.70 -18.28
C SER A 337 -35.38 -6.93 -17.31
N LYS A 338 -35.51 -6.09 -16.27
CA LYS A 338 -36.62 -6.19 -15.32
C LYS A 338 -37.90 -5.47 -15.79
N LEU A 339 -37.79 -4.58 -16.78
CA LEU A 339 -38.92 -3.79 -17.28
C LEU A 339 -39.65 -4.38 -18.46
N TYR A 340 -38.89 -5.04 -19.33
CA TYR A 340 -39.38 -5.54 -20.63
C TYR A 340 -39.31 -7.03 -20.75
N ASN A 341 -40.10 -7.57 -21.69
CA ASN A 341 -40.02 -8.99 -22.03
C ASN A 341 -39.00 -9.16 -23.13
N ASN A 342 -38.94 -8.22 -24.08
CA ASN A 342 -37.94 -8.27 -25.15
C ASN A 342 -37.75 -6.87 -25.72
N ILE A 343 -36.68 -6.65 -26.50
CA ILE A 343 -36.42 -5.32 -27.05
C ILE A 343 -35.36 -5.41 -28.13
N THR A 344 -35.42 -4.53 -29.14
CA THR A 344 -34.39 -4.55 -30.18
C THR A 344 -33.15 -3.86 -29.62
N PHE A 345 -31.97 -4.13 -30.19
CA PHE A 345 -30.76 -3.44 -29.73
C PHE A 345 -30.76 -1.97 -30.15
N GLU A 346 -31.42 -1.64 -31.28
CA GLU A 346 -31.56 -0.25 -31.70
C GLU A 346 -32.31 0.51 -30.62
N GLU A 347 -33.43 -0.03 -30.11
CA GLU A 347 -34.21 0.67 -29.07
C GLU A 347 -33.47 0.69 -27.77
N LEU A 348 -32.93 -0.46 -27.40
CA LEU A 348 -32.17 -0.59 -26.16
C LEU A 348 -30.97 0.37 -26.16
N GLY A 349 -30.26 0.47 -27.28
CA GLY A 349 -29.20 1.44 -27.43
C GLY A 349 -29.70 2.86 -27.31
N ALA A 350 -30.84 3.18 -27.96
CA ALA A 350 -31.41 4.53 -27.92
C ALA A 350 -31.87 4.91 -26.53
N LEU A 351 -32.48 3.97 -25.79
CA LEU A 351 -32.89 4.21 -24.40
C LEU A 351 -31.70 4.39 -23.46
N LEU A 352 -30.59 3.63 -23.67
CA LEU A 352 -29.39 3.71 -22.85
C LEU A 352 -28.38 4.77 -23.35
N GLU A 353 -28.63 5.43 -24.51
CA GLU A 353 -27.72 6.40 -25.12
C GLU A 353 -26.36 5.75 -25.41
N ILE A 354 -26.38 4.53 -25.97
CA ILE A 354 -25.18 3.83 -26.43
C ILE A 354 -25.45 3.20 -27.80
N PRO A 355 -24.42 2.88 -28.61
CA PRO A 355 -24.69 2.22 -29.89
C PRO A 355 -25.33 0.84 -29.69
N ALA A 356 -26.18 0.42 -30.64
CA ALA A 356 -26.83 -0.90 -30.62
C ALA A 356 -25.82 -2.05 -30.52
N ALA A 357 -24.65 -1.92 -31.18
CA ALA A 357 -23.64 -2.98 -31.14
C ALA A 357 -23.10 -3.18 -29.73
N LYS A 358 -22.91 -2.07 -29.00
CA LYS A 358 -22.41 -2.10 -27.61
C LYS A 358 -23.45 -2.72 -26.69
N ALA A 359 -24.71 -2.33 -26.84
CA ALA A 359 -25.79 -2.95 -26.06
C ALA A 359 -25.80 -4.47 -26.26
N GLU A 360 -25.61 -4.93 -27.50
CA GLU A 360 -25.60 -6.38 -27.77
C GLU A 360 -24.39 -7.07 -27.16
N LYS A 361 -23.20 -6.46 -27.34
CA LYS A 361 -21.94 -7.00 -26.84
C LYS A 361 -22.01 -7.15 -25.33
N ILE A 362 -22.43 -6.12 -24.60
CA ILE A 362 -22.46 -6.19 -23.14
C ILE A 362 -23.57 -7.10 -22.64
N ALA A 363 -24.77 -7.04 -23.24
CA ALA A 363 -25.85 -7.97 -22.91
C ALA A 363 -25.41 -9.42 -23.09
N SER A 364 -24.75 -9.72 -24.23
CA SER A 364 -24.25 -11.04 -24.52
C SER A 364 -23.27 -11.50 -23.44
N GLN A 365 -22.38 -10.60 -23.01
CA GLN A 365 -21.42 -10.94 -21.95
C GLN A 365 -22.16 -11.25 -20.66
N MET A 366 -23.12 -10.43 -20.27
CA MET A 366 -23.84 -10.65 -19.01
C MET A 366 -24.63 -11.96 -19.01
N ILE A 367 -25.14 -12.35 -20.19
CA ILE A 367 -25.86 -13.63 -20.36
C ILE A 367 -24.88 -14.78 -20.21
N THR A 368 -23.77 -14.73 -20.93
CA THR A 368 -22.74 -15.79 -20.82
C THR A 368 -22.22 -15.94 -19.38
N GLU A 369 -22.04 -14.80 -18.70
CA GLU A 369 -21.56 -14.78 -17.29
C GLU A 369 -22.63 -15.19 -16.24
N GLY A 370 -23.88 -15.36 -16.63
CA GLY A 370 -24.95 -15.74 -15.70
C GLY A 370 -25.52 -14.58 -14.89
N ARG A 371 -25.21 -13.31 -15.27
CA ARG A 371 -25.69 -12.14 -14.54
C ARG A 371 -27.00 -11.60 -15.08
N MET A 372 -27.42 -12.03 -16.29
N MET A 372 -27.45 -12.06 -16.25
CA MET A 372 -28.68 -11.64 -16.92
CA MET A 372 -28.72 -11.65 -16.83
C MET A 372 -29.29 -12.93 -17.47
C MET A 372 -29.32 -12.88 -17.51
N ASN A 373 -30.57 -13.18 -17.22
CA ASN A 373 -31.25 -14.36 -17.74
C ASN A 373 -31.95 -13.98 -19.03
N GLY A 374 -31.71 -14.73 -20.09
CA GLY A 374 -32.31 -14.45 -21.38
C GLY A 374 -31.47 -14.92 -22.54
N PHE A 375 -31.90 -14.59 -23.77
CA PHE A 375 -31.14 -15.01 -24.96
C PHE A 375 -31.26 -13.98 -26.05
N ILE A 376 -30.28 -13.99 -26.97
CA ILE A 376 -30.21 -13.03 -28.07
C ILE A 376 -30.48 -13.66 -29.40
N ASP A 377 -31.26 -12.96 -30.27
CA ASP A 377 -31.51 -13.35 -31.65
C ASP A 377 -30.61 -12.41 -32.46
N GLN A 378 -29.49 -12.93 -32.96
CA GLN A 378 -28.46 -12.12 -33.64
C GLN A 378 -28.89 -11.60 -35.02
N ILE A 379 -29.65 -12.40 -35.79
CA ILE A 379 -30.10 -11.98 -37.11
C ILE A 379 -31.07 -10.80 -37.00
N ASP A 380 -32.17 -10.95 -36.23
CA ASP A 380 -33.19 -9.91 -36.06
C ASP A 380 -32.82 -8.80 -35.04
N GLY A 381 -31.69 -8.95 -34.35
CA GLY A 381 -31.19 -7.98 -33.39
C GLY A 381 -32.12 -7.70 -32.22
N ILE A 382 -32.51 -8.75 -31.48
CA ILE A 382 -33.43 -8.67 -30.36
C ILE A 382 -32.93 -9.47 -29.15
N VAL A 383 -33.11 -8.92 -27.94
CA VAL A 383 -32.80 -9.66 -26.72
C VAL A 383 -34.14 -10.03 -26.07
N HIS A 384 -34.24 -11.27 -25.58
CA HIS A 384 -35.42 -11.81 -24.92
C HIS A 384 -35.08 -12.03 -23.45
N PHE A 385 -35.76 -11.32 -22.55
CA PHE A 385 -35.51 -11.38 -21.11
C PHE A 385 -36.40 -12.39 -20.44
N GLU A 386 -35.85 -13.19 -19.51
CA GLU A 386 -36.55 -14.24 -18.75
C GLU A 386 -37.13 -15.32 -19.67
#